data_9JD3
#
_entry.id   9JD3
#
_cell.length_a   1.00
_cell.length_b   1.00
_cell.length_c   1.00
_cell.angle_alpha   90.00
_cell.angle_beta   90.00
_cell.angle_gamma   90.00
#
_symmetry.space_group_name_H-M   'P 1'
#
loop_
_entity.id
_entity.type
_entity.pdbx_description
1 polymer 'Sodium- and chloride-dependent taurine transporter'
2 non-polymer DODECANE
3 non-polymer PENTANE
4 non-polymer N-OCTANE
5 non-polymer DECANE
6 non-polymer HEXANE
7 non-polymer CHOLESTEROL
8 non-polymer 'CHLORIDE ION'
9 non-polymer 2-acetamido-2-deoxy-beta-D-glucopyranose
10 water water
#
_entity_poly.entity_id   1
_entity_poly.type   'polypeptide(L)'
_entity_poly.pdbx_seq_one_letter_code
;MATKEKLQCLKDFHKDILKPSPGKSPGTRPEDEAEGKPPQREKWSSKIDFVLSVAGGFVGLGNVWRFPYLCYKNGGGAFL
IPYFIFLFGSGLPVFFLEIIIGQYTSEGGITCWEKICPLFSGIGYASVVIVSLLNVYYIVILAWATYYLFQSFQKELPWA
HCNHSWNTPHCMEDTMRKNKSVWITISSTNFTSPVIEFWERNVLSLSPGIDHPGSLKWDLALCLLLVWLVCFFCIWKGVR
STGKVVYFTATFPFAMLLVLLVRGLTLPGAGAGIKFYLYPDITRLEDPQVWIDAGTQIFFSYAICLGAMTSLGSYNKYKY
NSYRDCMLLGCLNSGTSFVSGFAIFSILGFMAQEQGVDIADVAESGPGLAFIAYPKAVTMMPLPTFWSILFFIMLLLLGL
DSQFVEVEGQITSLVDLYPSFLRKGYRREIFIAFVCSISYLLGLTMVTEGGMYVFQLFDYYAASGVCLLWVAFFECFVIA
WIYGGDNLYDGIEDMIGYRPGPWMKYSWAVITPVLCVGCFIFSLVKYVPLTYNKTYVYPNWAIGLGWSLALSSMLCVPLV
IVIRLCQTEGPFLVRVKYLLTPREPNRWAVEREGATPYNSRTVMNGALVKPTHIIVETMM
;
_entity_poly.pdbx_strand_id   A
#
loop_
_chem_comp.id
_chem_comp.type
_chem_comp.name
_chem_comp.formula
CL non-polymer 'CHLORIDE ION' 'Cl -1'
CLR non-polymer CHOLESTEROL 'C27 H46 O'
D10 non-polymer DECANE 'C10 H22'
D12 non-polymer DODECANE 'C12 H26'
HEX non-polymer HEXANE 'C6 H14'
LNK non-polymer PENTANE 'C5 H12'
NAG D-saccharide, beta linking 2-acetamido-2-deoxy-beta-D-glucopyranose 'C8 H15 N O6'
OCT non-polymer N-OCTANE 'C8 H18'
#
# COMPACT_ATOMS: atom_id res chain seq x y z
N SER A 46 2.97 -22.67 -22.82
CA SER A 46 4.07 -21.71 -22.78
C SER A 46 4.05 -20.93 -21.47
N LYS A 47 4.40 -19.64 -21.55
CA LYS A 47 4.43 -18.77 -20.39
C LYS A 47 3.41 -17.64 -20.44
N ILE A 48 3.02 -17.20 -21.64
CA ILE A 48 2.05 -16.12 -21.76
C ILE A 48 0.70 -16.54 -21.19
N ASP A 49 0.27 -17.77 -21.47
CA ASP A 49 -0.99 -18.25 -20.92
C ASP A 49 -0.95 -18.30 -19.41
N PHE A 50 0.18 -18.72 -18.83
CA PHE A 50 0.33 -18.71 -17.38
C PHE A 50 0.29 -17.28 -16.84
N VAL A 51 0.95 -16.35 -17.53
CA VAL A 51 0.88 -14.94 -17.14
C VAL A 51 -0.55 -14.42 -17.29
N LEU A 52 -1.22 -14.80 -18.37
CA LEU A 52 -2.62 -14.46 -18.52
C LEU A 52 -3.49 -15.08 -17.44
N SER A 53 -3.12 -16.28 -16.98
CA SER A 53 -3.91 -16.96 -15.95
C SER A 53 -3.91 -16.19 -14.64
N VAL A 54 -2.74 -15.66 -14.23
CA VAL A 54 -2.65 -14.93 -12.98
C VAL A 54 -3.11 -13.48 -13.11
N ALA A 55 -3.58 -13.07 -14.29
CA ALA A 55 -4.10 -11.74 -14.54
C ALA A 55 -3.05 -10.66 -14.27
N GLY A 56 -3.50 -9.41 -14.13
CA GLY A 56 -2.59 -8.31 -13.92
C GLY A 56 -2.97 -7.43 -12.75
N GLY A 57 -3.52 -8.03 -11.71
CA GLY A 57 -3.94 -7.29 -10.53
C GLY A 57 -2.83 -6.97 -9.55
N PHE A 58 -1.60 -7.35 -9.85
CA PHE A 58 -0.49 -7.06 -8.94
C PHE A 58 -0.15 -5.58 -8.90
N VAL A 59 -0.18 -4.91 -10.06
CA VAL A 59 0.16 -3.51 -10.13
C VAL A 59 -0.95 -2.67 -9.51
N GLY A 60 -0.58 -1.74 -8.65
CA GLY A 60 -1.54 -0.84 -8.04
C GLY A 60 -0.97 0.55 -7.83
N LEU A 61 -1.59 1.32 -6.94
CA LEU A 61 -1.07 2.64 -6.63
C LEU A 61 0.18 2.57 -5.75
N GLY A 62 0.34 1.48 -5.00
CA GLY A 62 1.54 1.33 -4.19
C GLY A 62 2.81 1.22 -5.00
N ASN A 63 2.70 0.94 -6.30
CA ASN A 63 3.86 0.79 -7.17
C ASN A 63 4.19 2.08 -7.92
N VAL A 64 3.16 2.78 -8.42
CA VAL A 64 3.37 3.99 -9.21
C VAL A 64 3.27 5.26 -8.39
N TRP A 65 2.76 5.19 -7.16
CA TRP A 65 2.63 6.38 -6.34
C TRP A 65 3.46 6.32 -5.06
N ARG A 66 3.45 5.19 -4.35
CA ARG A 66 4.10 5.16 -3.04
C ARG A 66 5.59 4.90 -3.14
N PHE A 67 5.98 3.80 -3.81
CA PHE A 67 7.40 3.50 -3.94
C PHE A 67 8.24 4.64 -4.50
N PRO A 68 7.78 5.40 -5.50
CA PRO A 68 8.62 6.51 -5.99
C PRO A 68 8.98 7.53 -4.93
N TYR A 69 8.08 7.87 -4.00
CA TYR A 69 8.43 8.93 -3.07
C TYR A 69 9.05 8.41 -1.78
N LEU A 70 8.72 7.20 -1.36
CA LEU A 70 9.44 6.61 -0.24
C LEU A 70 10.90 6.40 -0.59
N CYS A 71 11.18 5.95 -1.81
CA CYS A 71 12.56 5.92 -2.28
C CYS A 71 13.13 7.33 -2.39
N TYR A 72 12.33 8.27 -2.85
CA TYR A 72 12.80 9.66 -2.97
C TYR A 72 13.02 10.29 -1.60
N LYS A 73 12.14 10.01 -0.65
CA LYS A 73 12.31 10.58 0.69
C LYS A 73 13.55 10.03 1.37
N ASN A 74 13.80 8.73 1.25
CA ASN A 74 14.96 8.08 1.88
C ASN A 74 16.15 8.14 0.93
N GLY A 75 16.64 9.36 0.72
CA GLY A 75 17.79 9.55 -0.14
C GLY A 75 17.52 9.03 -1.54
N GLY A 76 18.49 8.30 -2.08
CA GLY A 76 18.33 7.72 -3.40
C GLY A 76 18.31 6.21 -3.38
N GLY A 77 19.44 5.61 -3.74
CA GLY A 77 19.56 4.16 -3.80
C GLY A 77 19.71 3.47 -2.48
N ALA A 78 19.92 4.22 -1.40
CA ALA A 78 19.98 3.61 -0.07
C ALA A 78 18.65 3.01 0.35
N PHE A 79 17.56 3.33 -0.35
CA PHE A 79 16.29 2.65 -0.15
C PHE A 79 16.28 1.27 -0.77
N LEU A 80 17.05 1.07 -1.85
CA LEU A 80 16.94 -0.17 -2.62
C LEU A 80 17.52 -1.36 -1.86
N ILE A 81 18.59 -1.15 -1.09
CA ILE A 81 19.25 -2.25 -0.40
C ILE A 81 18.30 -2.87 0.63
N PRO A 82 17.72 -2.11 1.57
CA PRO A 82 16.70 -2.71 2.43
C PRO A 82 15.47 -3.15 1.66
N TYR A 83 15.16 -2.47 0.55
CA TYR A 83 14.03 -2.88 -0.26
C TYR A 83 14.18 -4.31 -0.74
N PHE A 84 15.32 -4.64 -1.35
CA PHE A 84 15.51 -5.99 -1.86
C PHE A 84 15.79 -6.99 -0.74
N ILE A 85 16.48 -6.56 0.32
CA ILE A 85 16.68 -7.46 1.46
C ILE A 85 15.33 -7.91 2.01
N PHE A 86 14.41 -6.97 2.22
CA PHE A 86 13.09 -7.33 2.69
C PHE A 86 12.31 -8.13 1.64
N LEU A 87 12.43 -7.74 0.37
CA LEU A 87 11.70 -8.43 -0.69
C LEU A 87 12.04 -9.92 -0.71
N PHE A 88 13.31 -10.25 -0.51
CA PHE A 88 13.71 -11.65 -0.56
C PHE A 88 13.80 -12.31 0.80
N GLY A 89 13.61 -11.57 1.89
CA GLY A 89 13.64 -12.18 3.21
C GLY A 89 12.29 -12.34 3.86
N SER A 90 11.44 -11.33 3.75
CA SER A 90 10.10 -11.35 4.33
C SER A 90 9.01 -11.10 3.31
N GLY A 91 9.25 -10.23 2.34
CA GLY A 91 8.22 -9.88 1.38
C GLY A 91 7.62 -11.08 0.65
N LEU A 92 8.41 -11.73 -0.19
CA LEU A 92 7.95 -12.95 -0.82
C LEU A 92 7.61 -14.06 0.17
N PRO A 93 8.41 -14.31 1.22
CA PRO A 93 8.02 -15.37 2.17
C PRO A 93 6.69 -15.12 2.87
N VAL A 94 6.44 -13.92 3.38
CA VAL A 94 5.17 -13.65 4.05
C VAL A 94 4.03 -13.70 3.06
N PHE A 95 4.25 -13.22 1.84
CA PHE A 95 3.21 -13.26 0.81
C PHE A 95 2.81 -14.70 0.50
N PHE A 96 3.80 -15.55 0.24
CA PHE A 96 3.49 -16.95 -0.02
C PHE A 96 2.90 -17.62 1.21
N LEU A 97 3.32 -17.21 2.41
CA LEU A 97 2.77 -17.80 3.63
C LEU A 97 1.28 -17.48 3.75
N GLU A 98 0.91 -16.23 3.49
CA GLU A 98 -0.50 -15.84 3.54
C GLU A 98 -1.31 -16.61 2.50
N ILE A 99 -0.78 -16.68 1.27
CA ILE A 99 -1.51 -17.38 0.22
C ILE A 99 -1.66 -18.86 0.56
N ILE A 100 -0.60 -19.46 1.09
CA ILE A 100 -0.62 -20.90 1.33
C ILE A 100 -1.53 -21.22 2.51
N ILE A 101 -1.59 -20.36 3.52
CA ILE A 101 -2.56 -20.57 4.60
C ILE A 101 -3.97 -20.43 4.07
N GLY A 102 -4.22 -19.40 3.26
CA GLY A 102 -5.56 -19.22 2.71
C GLY A 102 -6.03 -20.40 1.90
N GLN A 103 -5.14 -20.97 1.09
CA GLN A 103 -5.52 -22.10 0.25
C GLN A 103 -5.47 -23.41 1.02
N TYR A 104 -4.75 -23.45 2.14
CA TYR A 104 -4.68 -24.63 3.01
C TYR A 104 -5.94 -24.79 3.84
N THR A 105 -6.48 -23.68 4.35
CA THR A 105 -7.68 -23.73 5.17
C THR A 105 -8.95 -23.44 4.39
N SER A 106 -8.85 -22.86 3.20
CA SER A 106 -10.01 -22.39 2.44
C SER A 106 -10.84 -21.44 3.27
N GLU A 107 -10.17 -20.59 4.03
CA GLU A 107 -10.81 -19.67 4.96
C GLU A 107 -10.23 -18.27 4.78
N GLY A 108 -11.02 -17.28 5.18
CA GLY A 108 -10.66 -15.89 4.97
C GLY A 108 -9.56 -15.37 5.87
N GLY A 109 -9.58 -14.06 6.14
CA GLY A 109 -8.52 -13.46 6.92
C GLY A 109 -8.53 -13.88 8.38
N ILE A 110 -9.70 -13.99 8.98
CA ILE A 110 -9.83 -14.20 10.42
C ILE A 110 -9.98 -15.68 10.76
N THR A 111 -10.90 -16.37 10.08
CA THR A 111 -11.16 -17.76 10.42
C THR A 111 -9.95 -18.66 10.13
N CYS A 112 -9.08 -18.24 9.23
CA CYS A 112 -7.85 -19.00 8.99
C CYS A 112 -7.00 -19.05 10.25
N TRP A 113 -6.87 -17.93 10.95
CA TRP A 113 -6.15 -17.94 12.21
C TRP A 113 -6.89 -18.73 13.28
N GLU A 114 -8.22 -18.72 13.23
CA GLU A 114 -8.99 -19.54 14.15
C GLU A 114 -8.66 -21.03 13.96
N LYS A 115 -8.51 -21.45 12.71
CA LYS A 115 -8.16 -22.85 12.46
C LYS A 115 -6.71 -23.14 12.81
N ILE A 116 -5.78 -22.26 12.40
CA ILE A 116 -4.36 -22.54 12.55
C ILE A 116 -3.95 -22.48 14.02
N CYS A 117 -4.33 -21.41 14.70
CA CYS A 117 -3.93 -21.20 16.10
C CYS A 117 -5.00 -20.37 16.77
N PRO A 118 -5.84 -20.99 17.62
CA PRO A 118 -6.87 -20.21 18.32
C PRO A 118 -6.29 -19.07 19.15
N LEU A 119 -5.16 -19.29 19.82
CA LEU A 119 -4.42 -18.19 20.39
C LEU A 119 -3.72 -17.42 19.27
N PHE A 120 -3.45 -16.14 19.51
CA PHE A 120 -2.93 -15.23 18.49
C PHE A 120 -3.93 -15.03 17.36
N SER A 121 -5.21 -15.34 17.60
CA SER A 121 -6.23 -15.12 16.58
C SER A 121 -6.52 -13.65 16.35
N GLY A 122 -5.97 -12.77 17.18
CA GLY A 122 -6.18 -11.35 17.00
C GLY A 122 -5.46 -10.76 15.81
N ILE A 123 -4.66 -11.56 15.11
CA ILE A 123 -4.03 -11.08 13.89
C ILE A 123 -5.08 -10.75 12.84
N GLY A 124 -6.18 -11.52 12.80
CA GLY A 124 -7.26 -11.19 11.90
C GLY A 124 -7.90 -9.85 12.20
N TYR A 125 -8.16 -9.58 13.48
CA TYR A 125 -8.75 -8.30 13.85
C TYR A 125 -7.77 -7.15 13.62
N ALA A 126 -6.49 -7.39 13.85
CA ALA A 126 -5.48 -6.38 13.54
C ALA A 126 -5.48 -6.06 12.05
N SER A 127 -5.58 -7.10 11.22
CA SER A 127 -5.66 -6.88 9.78
C SER A 127 -6.93 -6.12 9.41
N VAL A 128 -8.03 -6.41 10.10
CA VAL A 128 -9.29 -5.71 9.84
C VAL A 128 -9.15 -4.22 10.15
N VAL A 129 -8.53 -3.90 11.29
CA VAL A 129 -8.33 -2.49 11.63
C VAL A 129 -7.40 -1.82 10.63
N ILE A 130 -6.34 -2.53 10.23
CA ILE A 130 -5.39 -1.97 9.27
C ILE A 130 -6.10 -1.66 7.96
N VAL A 131 -6.90 -2.60 7.46
CA VAL A 131 -7.57 -2.39 6.18
C VAL A 131 -8.65 -1.32 6.30
N SER A 132 -9.27 -1.18 7.47
CA SER A 132 -10.25 -0.12 7.65
C SER A 132 -9.59 1.26 7.57
N LEU A 133 -8.48 1.45 8.28
CA LEU A 133 -7.78 2.73 8.20
C LEU A 133 -7.22 2.95 6.80
N LEU A 134 -6.77 1.88 6.15
CA LEU A 134 -6.27 2.00 4.78
C LEU A 134 -7.38 2.44 3.84
N ASN A 135 -8.57 1.87 3.98
CA ASN A 135 -9.69 2.31 3.14
C ASN A 135 -10.04 3.76 3.43
N VAL A 136 -9.91 4.17 4.69
CA VAL A 136 -10.23 5.55 5.04
C VAL A 136 -9.29 6.51 4.32
N TYR A 137 -7.98 6.26 4.37
CA TYR A 137 -7.06 7.25 3.82
C TYR A 137 -6.62 6.99 2.40
N TYR A 138 -6.97 5.85 1.81
CA TYR A 138 -6.48 5.47 0.50
C TYR A 138 -7.32 6.05 -0.63
N ILE A 139 -8.63 6.18 -0.42
CA ILE A 139 -9.51 6.78 -1.40
C ILE A 139 -9.26 8.28 -1.55
N VAL A 140 -8.51 8.89 -0.63
CA VAL A 140 -8.13 10.28 -0.81
C VAL A 140 -7.20 10.42 -2.00
N ILE A 141 -6.35 9.43 -2.25
CA ILE A 141 -5.50 9.44 -3.43
C ILE A 141 -6.36 9.46 -4.68
N LEU A 142 -7.41 8.63 -4.70
CA LEU A 142 -8.32 8.62 -5.84
C LEU A 142 -9.11 9.92 -5.94
N ALA A 143 -9.39 10.57 -4.81
CA ALA A 143 -10.00 11.88 -4.86
C ALA A 143 -9.09 12.89 -5.55
N TRP A 144 -7.79 12.87 -5.20
CA TRP A 144 -6.83 13.74 -5.87
C TRP A 144 -6.73 13.41 -7.36
N ALA A 145 -6.71 12.12 -7.70
CA ALA A 145 -6.63 11.71 -9.09
C ALA A 145 -7.86 12.16 -9.87
N THR A 146 -9.04 12.03 -9.26
CA THR A 146 -10.27 12.49 -9.90
C THR A 146 -10.26 13.99 -10.09
N TYR A 147 -9.76 14.74 -9.10
CA TYR A 147 -9.67 16.18 -9.25
C TYR A 147 -8.72 16.57 -10.37
N TYR A 148 -7.57 15.90 -10.45
CA TYR A 148 -6.63 16.17 -11.53
C TYR A 148 -7.24 15.83 -12.88
N LEU A 149 -7.93 14.70 -12.98
CA LEU A 149 -8.56 14.30 -14.24
C LEU A 149 -9.62 15.31 -14.66
N PHE A 150 -10.44 15.77 -13.72
CA PHE A 150 -11.45 16.78 -14.03
C PHE A 150 -10.82 18.09 -14.46
N GLN A 151 -9.73 18.49 -13.80
CA GLN A 151 -9.06 19.73 -14.16
C GLN A 151 -8.29 19.62 -15.46
N SER A 152 -8.00 18.39 -15.91
CA SER A 152 -7.27 18.20 -17.16
C SER A 152 -8.17 18.29 -18.38
N PHE A 153 -9.49 18.39 -18.20
CA PHE A 153 -10.41 18.45 -19.34
C PHE A 153 -10.58 19.91 -19.77
N GLN A 154 -9.50 20.45 -20.33
CA GLN A 154 -9.51 21.78 -20.90
C GLN A 154 -8.37 21.89 -21.89
N LYS A 155 -8.34 23.03 -22.61
CA LYS A 155 -7.39 23.19 -23.70
C LYS A 155 -5.94 23.16 -23.20
N GLU A 156 -5.68 23.79 -22.05
CA GLU A 156 -4.32 23.98 -21.56
C GLU A 156 -4.25 23.48 -20.14
N LEU A 157 -3.30 22.59 -19.87
CA LEU A 157 -3.17 22.01 -18.54
C LEU A 157 -2.84 23.08 -17.52
N PRO A 158 -3.61 23.19 -16.43
CA PRO A 158 -3.41 24.33 -15.51
C PRO A 158 -2.05 24.39 -14.86
N TRP A 159 -1.34 23.27 -14.77
CA TRP A 159 -0.05 23.23 -14.10
C TRP A 159 1.13 23.35 -15.06
N ALA A 160 0.88 23.54 -16.36
CA ALA A 160 1.98 23.78 -17.28
C ALA A 160 2.62 25.15 -17.02
N HIS A 161 1.81 26.18 -16.90
CA HIS A 161 2.27 27.53 -16.62
C HIS A 161 1.69 27.99 -15.29
N CYS A 162 2.30 29.02 -14.71
CA CYS A 162 1.79 29.61 -13.48
C CYS A 162 1.49 31.08 -13.74
N ASN A 163 0.25 31.36 -14.11
CA ASN A 163 -0.23 32.73 -14.26
C ASN A 163 -1.66 32.87 -13.73
N HIS A 164 -2.10 31.94 -12.88
CA HIS A 164 -3.47 31.88 -12.42
C HIS A 164 -3.58 32.48 -11.02
N SER A 165 -4.78 32.40 -10.43
CA SER A 165 -5.03 33.05 -9.15
C SER A 165 -4.28 32.38 -8.01
N TRP A 166 -4.17 31.05 -8.05
CA TRP A 166 -3.56 30.33 -6.95
C TRP A 166 -2.03 30.45 -6.91
N ASN A 167 -1.41 30.97 -7.97
CA ASN A 167 0.04 30.91 -8.08
C ASN A 167 0.70 31.95 -7.17
N THR A 168 1.71 31.50 -6.43
CA THR A 168 2.49 32.41 -5.60
C THR A 168 3.30 33.36 -6.47
N PRO A 169 3.46 34.62 -6.07
CA PRO A 169 4.27 35.55 -6.87
C PRO A 169 5.71 35.10 -7.07
N HIS A 170 6.20 34.15 -6.28
CA HIS A 170 7.56 33.66 -6.44
C HIS A 170 7.68 32.57 -7.50
N CYS A 171 6.59 32.20 -8.17
CA CYS A 171 6.66 31.14 -9.17
C CYS A 171 7.38 31.62 -10.42
N MET A 172 8.12 30.70 -11.04
CA MET A 172 8.75 30.94 -12.32
C MET A 172 8.65 29.66 -13.14
N GLU A 173 8.57 29.82 -14.46
CA GLU A 173 8.44 28.66 -15.33
C GLU A 173 9.69 27.79 -15.23
N ASP A 174 9.51 26.48 -15.41
CA ASP A 174 10.62 25.56 -15.26
C ASP A 174 11.72 25.86 -16.25
N THR A 175 11.37 26.18 -17.50
CA THR A 175 12.38 26.57 -18.48
C THR A 175 13.06 27.86 -18.07
N MET A 176 12.29 28.85 -17.63
CA MET A 176 12.83 30.17 -17.32
C MET A 176 13.65 30.20 -16.04
N ARG A 177 13.63 29.13 -15.23
CA ARG A 177 14.41 29.12 -14.00
C ARG A 177 15.90 29.22 -14.28
N LYS A 178 16.39 28.49 -15.28
CA LYS A 178 17.79 28.54 -15.65
C LYS A 178 18.04 29.21 -16.99
N ASN A 179 16.99 29.47 -17.78
CA ASN A 179 17.17 30.12 -19.07
C ASN A 179 17.76 31.52 -18.90
N LYS A 180 17.28 32.26 -17.90
CA LYS A 180 17.77 33.59 -17.58
C LYS A 180 18.58 33.54 -16.29
N SER A 188 14.57 37.30 -3.05
CA SER A 188 13.68 36.14 -3.07
C SER A 188 14.29 35.03 -3.92
N THR A 189 15.44 34.53 -3.44
CA THR A 189 16.25 33.61 -4.24
C THR A 189 15.48 32.34 -4.56
N ASN A 190 14.71 31.82 -3.61
CA ASN A 190 13.96 30.60 -3.83
C ASN A 190 12.76 30.88 -4.73
N PHE A 191 12.73 30.22 -5.89
CA PHE A 191 11.62 30.31 -6.83
C PHE A 191 10.93 28.96 -6.90
N THR A 192 9.62 28.94 -6.66
CA THR A 192 8.87 27.69 -6.68
C THR A 192 8.47 27.33 -8.11
N SER A 193 8.06 26.09 -8.28
CA SER A 193 7.75 25.54 -9.61
C SER A 193 6.25 25.58 -9.86
N PRO A 194 5.82 25.83 -11.11
CA PRO A 194 4.39 25.86 -11.39
C PRO A 194 3.68 24.53 -11.12
N VAL A 195 4.37 23.41 -11.31
CA VAL A 195 3.74 22.10 -10.98
C VAL A 195 3.50 22.02 -9.47
N ILE A 196 4.49 22.39 -8.67
CA ILE A 196 4.37 22.29 -7.18
C ILE A 196 3.25 23.23 -6.70
N GLU A 197 3.16 24.42 -7.29
CA GLU A 197 2.14 25.41 -6.86
C GLU A 197 0.73 24.85 -7.08
N PHE A 198 0.47 24.21 -8.21
CA PHE A 198 -0.85 23.60 -8.47
C PHE A 198 -1.16 22.56 -7.39
N TRP A 199 -0.19 21.70 -7.07
CA TRP A 199 -0.42 20.62 -6.08
C TRP A 199 -0.66 21.20 -4.70
N GLU A 200 0.14 22.17 -4.26
CA GLU A 200 0.01 22.65 -2.86
C GLU A 200 -0.96 23.82 -2.72
N ARG A 201 -1.03 24.71 -3.71
CA ARG A 201 -1.87 25.93 -3.53
C ARG A 201 -3.15 25.85 -4.35
N ASN A 202 -3.51 24.68 -4.88
CA ASN A 202 -4.80 24.52 -5.60
C ASN A 202 -5.44 23.17 -5.23
N VAL A 203 -4.73 22.08 -5.49
CA VAL A 203 -5.26 20.72 -5.14
C VAL A 203 -5.30 20.58 -3.62
N LEU A 204 -4.27 21.03 -2.91
CA LEU A 204 -4.21 20.80 -1.44
C LEU A 204 -4.55 22.08 -0.65
N SER A 205 -4.20 23.26 -1.17
CA SER A 205 -4.38 24.51 -0.39
C SER A 205 -3.73 24.27 0.97
N LEU A 206 -2.47 23.82 0.99
CA LEU A 206 -1.78 23.44 2.25
C LEU A 206 -1.90 24.54 3.31
N SER A 207 -2.18 24.17 4.55
CA SER A 207 -2.29 25.16 5.66
C SER A 207 -1.01 25.11 6.50
N PRO A 208 -0.68 26.15 7.29
CA PRO A 208 0.57 26.19 8.06
C PRO A 208 0.89 24.89 8.80
N GLY A 209 -0.10 24.06 9.13
CA GLY A 209 0.20 22.82 9.81
C GLY A 209 -1.06 22.04 10.11
N ILE A 210 -0.86 20.89 10.75
CA ILE A 210 -1.98 20.03 11.12
C ILE A 210 -2.85 20.69 12.18
N ASP A 211 -2.32 21.64 12.93
CA ASP A 211 -3.09 22.37 13.94
C ASP A 211 -3.91 23.49 13.34
N HIS A 212 -3.90 23.63 12.01
CA HIS A 212 -4.72 24.62 11.30
C HIS A 212 -5.50 23.89 10.22
N PRO A 213 -6.57 23.18 10.59
CA PRO A 213 -7.34 22.45 9.57
C PRO A 213 -7.94 23.36 8.51
N GLY A 214 -8.19 24.62 8.84
CA GLY A 214 -8.73 25.52 7.85
C GLY A 214 -10.14 25.16 7.44
N SER A 215 -10.50 25.57 6.22
CA SER A 215 -11.82 25.31 5.68
C SER A 215 -11.80 24.06 4.81
N LEU A 216 -12.87 23.27 4.91
CA LEU A 216 -12.99 22.09 4.08
C LEU A 216 -13.01 22.47 2.61
N LYS A 217 -12.25 21.75 1.79
CA LYS A 217 -12.20 22.02 0.36
C LYS A 217 -13.38 21.34 -0.30
N TRP A 218 -14.33 22.15 -0.78
CA TRP A 218 -15.58 21.60 -1.31
C TRP A 218 -15.36 20.89 -2.65
N ASP A 219 -14.48 21.42 -3.50
CA ASP A 219 -14.23 20.77 -4.78
C ASP A 219 -13.61 19.40 -4.58
N LEU A 220 -12.68 19.27 -3.63
CA LEU A 220 -12.15 17.95 -3.30
C LEU A 220 -13.18 17.11 -2.55
N ALA A 221 -14.06 17.74 -1.77
CA ALA A 221 -15.03 16.98 -1.00
C ALA A 221 -15.98 16.20 -1.90
N LEU A 222 -16.45 16.84 -2.98
CA LEU A 222 -17.30 16.14 -3.93
C LEU A 222 -16.55 15.00 -4.60
N CYS A 223 -15.30 15.23 -4.96
CA CYS A 223 -14.51 14.19 -5.63
C CYS A 223 -14.32 12.99 -4.72
N LEU A 224 -14.12 13.22 -3.42
CA LEU A 224 -14.05 12.12 -2.47
C LEU A 224 -15.37 11.38 -2.38
N LEU A 225 -16.50 12.07 -2.60
CA LEU A 225 -17.79 11.41 -2.58
C LEU A 225 -18.03 10.61 -3.84
N LEU A 226 -17.60 11.13 -5.00
CA LEU A 226 -17.85 10.44 -6.26
C LEU A 226 -17.18 9.07 -6.28
N VAL A 227 -15.94 8.99 -5.84
CA VAL A 227 -15.25 7.70 -5.81
C VAL A 227 -15.88 6.77 -4.81
N TRP A 228 -16.38 7.29 -3.69
CA TRP A 228 -17.10 6.45 -2.75
C TRP A 228 -18.45 6.03 -3.32
N LEU A 229 -19.10 6.93 -4.07
CA LEU A 229 -20.31 6.54 -4.78
C LEU A 229 -20.02 5.47 -5.82
N VAL A 230 -18.90 5.61 -6.54
CA VAL A 230 -18.48 4.57 -7.47
C VAL A 230 -18.18 3.29 -6.70
N CYS A 231 -17.47 3.40 -5.58
CA CYS A 231 -17.18 2.23 -4.77
C CYS A 231 -18.43 1.63 -4.15
N PHE A 232 -19.39 2.48 -3.74
CA PHE A 232 -20.60 1.96 -3.13
C PHE A 232 -21.43 1.15 -4.13
N PHE A 233 -21.67 1.70 -5.31
CA PHE A 233 -22.53 1.04 -6.28
C PHE A 233 -21.90 -0.25 -6.80
N CYS A 234 -20.59 -0.22 -7.06
CA CYS A 234 -19.93 -1.41 -7.61
C CYS A 234 -19.97 -2.57 -6.62
N ILE A 235 -19.72 -2.29 -5.34
CA ILE A 235 -19.75 -3.35 -4.34
C ILE A 235 -21.18 -3.84 -4.11
N TRP A 236 -22.13 -2.91 -4.00
CA TRP A 236 -23.50 -3.30 -3.72
C TRP A 236 -24.10 -4.10 -4.87
N LYS A 237 -23.82 -3.69 -6.11
CA LYS A 237 -24.34 -4.40 -7.27
C LYS A 237 -23.52 -5.62 -7.65
N GLY A 238 -22.50 -5.95 -6.87
CA GLY A 238 -21.69 -7.12 -7.15
C GLY A 238 -20.89 -7.02 -8.43
N VAL A 239 -20.42 -5.83 -8.78
CA VAL A 239 -19.62 -5.65 -9.99
C VAL A 239 -18.21 -6.18 -9.75
N ARG A 240 -17.70 -6.92 -10.73
CA ARG A 240 -16.34 -7.44 -10.64
C ARG A 240 -15.34 -6.29 -10.61
N SER A 241 -14.20 -6.54 -9.98
CA SER A 241 -13.18 -5.49 -9.85
C SER A 241 -12.69 -5.02 -11.21
N THR A 242 -12.47 -5.96 -12.13
CA THR A 242 -12.10 -5.63 -13.50
C THR A 242 -13.34 -5.68 -14.38
N GLY A 243 -13.56 -4.60 -15.13
CA GLY A 243 -14.78 -4.47 -15.92
C GLY A 243 -14.64 -5.08 -17.30
N LYS A 244 -15.68 -5.80 -17.73
CA LYS A 244 -15.74 -6.44 -19.04
C LYS A 244 -14.51 -7.30 -19.29
N VAL A 245 -13.81 -7.04 -20.39
CA VAL A 245 -12.57 -7.75 -20.67
C VAL A 245 -11.48 -7.26 -19.73
N VAL A 246 -10.75 -8.19 -19.13
CA VAL A 246 -9.67 -7.83 -18.22
C VAL A 246 -8.46 -7.28 -18.96
N TYR A 247 -8.41 -7.48 -20.28
CA TYR A 247 -7.25 -7.05 -21.06
C TYR A 247 -7.02 -5.55 -20.93
N PHE A 248 -8.07 -4.75 -21.14
CA PHE A 248 -7.91 -3.31 -21.03
C PHE A 248 -7.60 -2.90 -19.59
N THR A 249 -8.25 -3.53 -18.61
CA THR A 249 -8.00 -3.19 -17.22
C THR A 249 -6.61 -3.57 -16.75
N ALA A 250 -5.90 -4.42 -17.50
CA ALA A 250 -4.58 -4.88 -17.14
C ALA A 250 -3.47 -4.36 -18.05
N THR A 251 -3.66 -4.41 -19.37
CA THR A 251 -2.62 -3.98 -20.29
C THR A 251 -2.50 -2.47 -20.38
N PHE A 252 -3.60 -1.74 -20.18
CA PHE A 252 -3.53 -0.28 -20.25
C PHE A 252 -2.59 0.33 -19.22
N PRO A 253 -2.62 -0.06 -17.94
CA PRO A 253 -1.63 0.50 -17.00
C PRO A 253 -0.19 0.28 -17.44
N PHE A 254 0.14 -0.90 -17.99
CA PHE A 254 1.47 -1.10 -18.52
C PHE A 254 1.72 -0.21 -19.73
N ALA A 255 0.75 -0.13 -20.64
CA ALA A 255 0.95 0.64 -21.87
C ALA A 255 1.27 2.09 -21.56
N MET A 256 0.56 2.69 -20.60
CA MET A 256 0.85 4.07 -20.22
C MET A 256 2.18 4.18 -19.50
N LEU A 257 2.57 3.15 -18.73
CA LEU A 257 3.84 3.20 -18.02
C LEU A 257 5.03 3.20 -18.96
N LEU A 258 5.01 2.36 -20.00
CA LEU A 258 6.08 2.39 -20.99
C LEU A 258 6.11 3.72 -21.73
N VAL A 259 4.95 4.32 -21.97
CA VAL A 259 4.92 5.65 -22.57
C VAL A 259 5.59 6.66 -21.67
N LEU A 260 5.31 6.60 -20.37
CA LEU A 260 5.97 7.50 -19.42
C LEU A 260 7.43 7.12 -19.25
N LEU A 261 7.74 5.82 -19.26
CA LEU A 261 9.13 5.39 -19.13
C LEU A 261 9.96 5.84 -20.32
N VAL A 262 9.42 5.71 -21.53
CA VAL A 262 10.15 6.13 -22.73
C VAL A 262 10.38 7.64 -22.72
N ARG A 263 9.35 8.40 -22.35
CA ARG A 263 9.52 9.85 -22.27
C ARG A 263 10.54 10.24 -21.20
N GLY A 264 10.48 9.60 -20.04
CA GLY A 264 11.39 9.95 -18.96
C GLY A 264 12.84 9.65 -19.30
N LEU A 265 13.10 8.46 -19.83
CA LEU A 265 14.47 8.08 -20.17
C LEU A 265 15.04 8.92 -21.31
N THR A 266 14.19 9.47 -22.16
CA THR A 266 14.66 10.30 -23.27
C THR A 266 14.91 11.74 -22.85
N LEU A 267 14.51 12.12 -21.64
CA LEU A 267 14.69 13.49 -21.18
C LEU A 267 16.17 13.82 -21.03
N PRO A 268 16.55 15.07 -21.32
CA PRO A 268 17.99 15.41 -21.31
C PRO A 268 18.66 15.21 -19.97
N GLY A 269 17.95 15.43 -18.86
CA GLY A 269 18.53 15.28 -17.54
C GLY A 269 18.37 13.91 -16.92
N ALA A 270 17.88 12.93 -17.67
CA ALA A 270 17.59 11.61 -17.09
C ALA A 270 18.84 10.90 -16.59
N GLY A 271 20.01 11.28 -17.08
CA GLY A 271 21.23 10.61 -16.64
C GLY A 271 21.50 10.80 -15.16
N ALA A 272 21.35 12.04 -14.68
CA ALA A 272 21.58 12.33 -13.27
C ALA A 272 20.54 11.65 -12.39
N GLY A 273 19.29 11.62 -12.84
CA GLY A 273 18.22 11.05 -12.02
C GLY A 273 18.41 9.57 -11.78
N ILE A 274 18.83 8.83 -12.81
CA ILE A 274 19.01 7.38 -12.66
C ILE A 274 20.16 7.09 -11.73
N LYS A 275 21.23 7.89 -11.79
CA LYS A 275 22.34 7.74 -10.85
C LYS A 275 21.87 7.94 -9.42
N PHE A 276 21.01 8.94 -9.19
CA PHE A 276 20.41 9.14 -7.88
C PHE A 276 19.57 7.94 -7.48
N TYR A 277 18.81 7.40 -8.44
CA TYR A 277 17.94 6.26 -8.15
C TYR A 277 18.75 5.04 -7.72
N LEU A 278 19.82 4.75 -8.44
CA LEU A 278 20.50 3.45 -8.31
C LEU A 278 21.67 3.49 -7.33
N TYR A 279 22.58 4.44 -7.49
CA TYR A 279 23.79 4.46 -6.68
C TYR A 279 23.44 4.70 -5.22
N PRO A 280 23.73 3.76 -4.33
CA PRO A 280 23.30 3.89 -2.94
C PRO A 280 24.25 4.77 -2.13
N ASP A 281 23.79 5.12 -0.93
CA ASP A 281 24.55 5.88 0.04
C ASP A 281 24.66 5.06 1.32
N ILE A 282 25.88 4.79 1.76
CA ILE A 282 26.08 3.94 2.92
C ILE A 282 25.60 4.64 4.19
N THR A 283 25.78 5.95 4.27
CA THR A 283 25.43 6.68 5.49
C THR A 283 23.94 6.58 5.78
N ARG A 284 23.11 6.68 4.75
CA ARG A 284 21.67 6.60 4.96
C ARG A 284 21.24 5.23 5.48
N LEU A 285 22.06 4.20 5.28
CA LEU A 285 21.70 2.87 5.78
C LEU A 285 21.74 2.81 7.30
N GLU A 286 22.53 3.68 7.93
CA GLU A 286 22.59 3.68 9.40
C GLU A 286 21.28 4.14 10.01
N ASP A 287 20.54 4.98 9.31
CA ASP A 287 19.24 5.44 9.78
C ASP A 287 18.26 4.26 9.85
N PRO A 288 17.63 4.00 10.99
CA PRO A 288 16.66 2.90 11.05
C PRO A 288 15.36 3.21 10.32
N GLN A 289 15.16 4.45 9.88
CA GLN A 289 13.93 4.79 9.18
C GLN A 289 13.86 4.15 7.80
N VAL A 290 14.98 4.14 7.08
CA VAL A 290 14.99 3.61 5.72
C VAL A 290 14.67 2.12 5.72
N TRP A 291 14.98 1.43 6.82
CA TRP A 291 14.60 0.02 6.94
C TRP A 291 13.12 -0.13 7.27
N ILE A 292 12.54 0.84 7.97
CA ILE A 292 11.10 0.82 8.25
C ILE A 292 10.31 1.09 6.97
N ASP A 293 10.75 2.09 6.18
CA ASP A 293 10.04 2.41 4.95
C ASP A 293 10.15 1.29 3.93
N ALA A 294 11.38 0.80 3.69
CA ALA A 294 11.57 -0.23 2.67
C ALA A 294 10.90 -1.54 3.07
N GLY A 295 10.95 -1.89 4.35
CA GLY A 295 10.33 -3.13 4.79
C GLY A 295 8.82 -3.13 4.62
N THR A 296 8.19 -2.00 4.94
CA THR A 296 6.74 -1.90 4.86
C THR A 296 6.23 -1.44 3.50
N GLN A 297 7.11 -0.90 2.65
CA GLN A 297 6.70 -0.62 1.27
C GLN A 297 6.48 -1.92 0.51
N ILE A 298 7.27 -2.95 0.80
CA ILE A 298 7.00 -4.27 0.24
C ILE A 298 5.67 -4.78 0.76
N PHE A 299 5.42 -4.62 2.06
CA PHE A 299 4.17 -5.10 2.65
C PHE A 299 2.98 -4.33 2.10
N PHE A 300 3.14 -3.03 1.90
CA PHE A 300 2.06 -2.23 1.29
C PHE A 300 1.80 -2.67 -0.14
N SER A 301 2.85 -2.87 -0.93
CA SER A 301 2.68 -3.22 -2.34
C SER A 301 2.02 -4.58 -2.49
N TYR A 302 2.43 -5.56 -1.69
CA TYR A 302 1.87 -6.90 -1.79
C TYR A 302 0.52 -7.03 -1.12
N ALA A 303 0.06 -6.01 -0.41
CA ALA A 303 -1.21 -6.05 0.32
C ALA A 303 -1.25 -7.23 1.27
N ILE A 304 -0.11 -7.52 1.90
CA ILE A 304 -0.03 -8.57 2.89
C ILE A 304 -0.17 -7.92 4.27
N CYS A 305 -0.48 -8.75 5.26
CA CYS A 305 -0.84 -8.36 6.62
C CYS A 305 -2.19 -7.65 6.67
N LEU A 306 -2.86 -7.47 5.53
CA LEU A 306 -4.18 -6.86 5.47
C LEU A 306 -5.29 -7.88 5.51
N GLY A 307 -4.98 -9.18 5.49
CA GLY A 307 -6.00 -10.19 5.38
C GLY A 307 -6.57 -10.33 3.99
N ALA A 308 -5.99 -9.66 2.99
CA ALA A 308 -6.49 -9.72 1.63
C ALA A 308 -5.89 -10.87 0.84
N MET A 309 -4.61 -11.15 1.03
CA MET A 309 -4.00 -12.28 0.33
C MET A 309 -4.58 -13.60 0.81
N THR A 310 -4.85 -13.72 2.12
CA THR A 310 -5.43 -14.95 2.64
C THR A 310 -6.81 -15.21 2.04
N SER A 311 -7.64 -14.15 1.94
CA SER A 311 -8.92 -14.29 1.27
C SER A 311 -8.75 -14.63 -0.21
N LEU A 312 -7.80 -13.96 -0.86
CA LEU A 312 -7.52 -14.25 -2.26
C LEU A 312 -7.03 -15.68 -2.43
N GLY A 313 -6.21 -16.15 -1.50
CA GLY A 313 -5.72 -17.51 -1.56
C GLY A 313 -6.75 -18.56 -1.20
N SER A 314 -7.85 -18.16 -0.56
CA SER A 314 -8.87 -19.13 -0.17
C SER A 314 -9.63 -19.72 -1.35
N TYR A 315 -9.66 -19.03 -2.48
CA TYR A 315 -10.36 -19.51 -3.66
C TYR A 315 -9.53 -20.47 -4.50
N ASN A 316 -8.23 -20.58 -4.24
CA ASN A 316 -7.40 -21.52 -4.98
C ASN A 316 -7.74 -22.95 -4.58
N LYS A 317 -7.65 -23.85 -5.55
CA LYS A 317 -7.90 -25.26 -5.27
C LYS A 317 -6.82 -25.82 -4.36
N TYR A 318 -7.14 -26.90 -3.66
CA TYR A 318 -6.19 -27.51 -2.75
C TYR A 318 -4.98 -28.05 -3.51
N LYS A 319 -5.20 -28.71 -4.63
CA LYS A 319 -4.12 -29.23 -5.45
C LYS A 319 -3.71 -28.23 -6.53
N TYR A 320 -3.42 -27.01 -6.11
CA TYR A 320 -3.01 -25.95 -7.02
C TYR A 320 -1.62 -25.47 -6.62
N ASN A 321 -0.78 -25.22 -7.62
CA ASN A 321 0.61 -24.82 -7.38
C ASN A 321 0.66 -23.30 -7.28
N SER A 322 0.42 -22.79 -6.08
CA SER A 322 0.50 -21.35 -5.83
C SER A 322 1.92 -20.86 -5.64
N TYR A 323 2.89 -21.76 -5.45
CA TYR A 323 4.27 -21.34 -5.23
C TYR A 323 4.82 -20.61 -6.44
N ARG A 324 4.56 -21.14 -7.64
CA ARG A 324 4.99 -20.44 -8.85
C ARG A 324 4.19 -19.16 -9.06
N ASP A 325 2.93 -19.13 -8.61
CA ASP A 325 2.13 -17.91 -8.72
C ASP A 325 2.71 -16.81 -7.84
N CYS A 326 2.99 -17.12 -6.58
CA CYS A 326 3.51 -16.11 -5.67
C CYS A 326 4.89 -15.61 -6.10
N MET A 327 5.75 -16.53 -6.55
CA MET A 327 7.07 -16.10 -7.02
C MET A 327 6.95 -15.21 -8.24
N LEU A 328 6.07 -15.57 -9.17
CA LEU A 328 5.88 -14.76 -10.38
C LEU A 328 5.22 -13.43 -10.04
N LEU A 329 4.13 -13.47 -9.26
CA LEU A 329 3.42 -12.24 -8.92
C LEU A 329 4.29 -11.31 -8.08
N GLY A 330 5.07 -11.87 -7.17
CA GLY A 330 5.95 -11.05 -6.36
C GLY A 330 7.00 -10.34 -7.19
N CYS A 331 7.60 -11.04 -8.15
CA CYS A 331 8.60 -10.43 -9.00
C CYS A 331 7.98 -9.43 -9.96
N LEU A 332 6.80 -9.75 -10.50
CA LEU A 332 6.12 -8.80 -11.37
C LEU A 332 5.69 -7.55 -10.61
N ASN A 333 5.20 -7.72 -9.38
CA ASN A 333 4.77 -6.57 -8.60
C ASN A 333 5.95 -5.68 -8.23
N SER A 334 7.02 -6.28 -7.71
CA SER A 334 8.20 -5.50 -7.35
C SER A 334 8.98 -5.06 -8.58
N GLY A 335 8.98 -5.89 -9.62
CA GLY A 335 9.65 -5.51 -10.86
C GLY A 335 9.04 -4.29 -11.49
N THR A 336 7.71 -4.14 -11.38
CA THR A 336 7.06 -2.93 -11.87
C THR A 336 7.53 -1.72 -11.08
N SER A 337 7.61 -1.85 -9.75
CA SER A 337 8.02 -0.72 -8.91
C SER A 337 9.44 -0.28 -9.25
N PHE A 338 10.35 -1.25 -9.43
CA PHE A 338 11.71 -0.91 -9.81
C PHE A 338 11.77 -0.28 -11.19
N VAL A 339 11.02 -0.84 -12.15
CA VAL A 339 11.04 -0.31 -13.50
C VAL A 339 10.32 1.03 -13.57
N SER A 340 9.14 1.12 -12.96
CA SER A 340 8.43 2.40 -12.93
C SER A 340 9.18 3.45 -12.13
N GLY A 341 10.05 3.04 -11.22
CA GLY A 341 10.92 3.99 -10.56
C GLY A 341 11.86 4.67 -11.51
N PHE A 342 12.30 3.96 -12.56
CA PHE A 342 13.15 4.58 -13.58
C PHE A 342 12.44 5.73 -14.26
N ALA A 343 11.15 5.58 -14.54
CA ALA A 343 10.40 6.62 -15.23
C ALA A 343 10.31 7.88 -14.40
N ILE A 344 9.91 7.76 -13.13
CA ILE A 344 9.69 8.95 -12.31
C ILE A 344 11.02 9.56 -11.87
N PHE A 345 12.03 8.73 -11.58
CA PHE A 345 13.30 9.27 -11.15
C PHE A 345 14.09 9.87 -12.31
N SER A 346 13.72 9.55 -13.55
CA SER A 346 14.32 10.22 -14.70
C SER A 346 13.75 11.62 -14.89
N ILE A 347 12.46 11.81 -14.58
CA ILE A 347 11.87 13.13 -14.67
C ILE A 347 12.51 14.07 -13.65
N LEU A 348 12.72 13.58 -12.43
CA LEU A 348 13.36 14.41 -11.40
C LEU A 348 14.76 14.82 -11.82
N GLY A 349 15.50 13.91 -12.45
CA GLY A 349 16.79 14.28 -12.99
C GLY A 349 16.70 15.36 -14.04
N PHE A 350 15.71 15.26 -14.92
CA PHE A 350 15.46 16.33 -15.89
C PHE A 350 14.99 17.61 -15.20
N MET A 351 14.09 17.47 -14.22
CA MET A 351 13.63 18.64 -13.48
C MET A 351 14.77 19.33 -12.75
N ALA A 352 15.65 18.55 -12.12
CA ALA A 352 16.71 19.13 -11.32
C ALA A 352 17.65 19.98 -12.17
N GLN A 353 18.02 19.49 -13.35
CA GLN A 353 18.92 20.27 -14.20
C GLN A 353 18.19 21.43 -14.87
N GLU A 354 16.88 21.32 -15.07
CA GLU A 354 16.12 22.42 -15.65
C GLU A 354 16.02 23.58 -14.67
N GLN A 355 15.79 23.29 -13.39
CA GLN A 355 15.68 24.32 -12.36
C GLN A 355 17.02 24.70 -11.74
N GLY A 356 18.09 23.98 -12.06
CA GLY A 356 19.37 24.26 -11.42
C GLY A 356 19.36 24.02 -9.93
N VAL A 357 18.68 22.96 -9.48
CA VAL A 357 18.60 22.60 -8.08
C VAL A 357 18.97 21.14 -7.93
N ASP A 358 19.23 20.75 -6.68
CA ASP A 358 19.59 19.37 -6.39
C ASP A 358 18.41 18.45 -6.64
N ILE A 359 18.71 17.19 -6.94
CA ILE A 359 17.67 16.20 -7.20
C ILE A 359 16.86 15.95 -5.93
N ALA A 360 17.51 15.97 -4.77
CA ALA A 360 16.85 15.69 -3.51
C ALA A 360 15.93 16.82 -3.05
N ASP A 361 15.98 17.99 -3.70
CA ASP A 361 15.15 19.13 -3.33
C ASP A 361 14.29 19.63 -4.48
N VAL A 362 14.17 18.88 -5.57
CA VAL A 362 13.45 19.36 -6.73
C VAL A 362 11.95 19.14 -6.62
N ALA A 363 11.51 18.25 -5.75
CA ALA A 363 10.10 17.91 -5.64
C ALA A 363 9.77 17.69 -4.17
N GLU A 364 8.61 17.09 -3.91
CA GLU A 364 8.10 16.93 -2.55
C GLU A 364 8.54 15.59 -1.98
N SER A 365 9.22 15.62 -0.84
CA SER A 365 9.65 14.40 -0.16
C SER A 365 8.51 13.85 0.71
N GLY A 366 7.43 13.49 0.02
CA GLY A 366 6.23 13.02 0.66
C GLY A 366 5.20 12.67 -0.39
N PRO A 367 3.97 12.38 0.03
CA PRO A 367 2.93 12.06 -0.94
C PRO A 367 2.71 13.22 -1.90
N GLY A 368 2.44 12.88 -3.15
CA GLY A 368 2.31 13.90 -4.18
C GLY A 368 3.51 14.05 -5.08
N LEU A 369 4.55 13.23 -4.90
CA LEU A 369 5.63 13.20 -5.88
C LEU A 369 5.11 12.66 -7.21
N ALA A 370 4.27 11.63 -7.17
CA ALA A 370 3.63 11.15 -8.39
C ALA A 370 2.64 12.15 -8.94
N PHE A 371 2.19 13.11 -8.14
CA PHE A 371 1.34 14.19 -8.60
C PHE A 371 2.14 15.44 -8.95
N ILE A 372 3.48 15.35 -8.91
CA ILE A 372 4.36 16.44 -9.30
C ILE A 372 5.24 16.03 -10.49
N ALA A 373 5.79 14.83 -10.45
CA ALA A 373 6.65 14.37 -11.54
C ALA A 373 5.84 13.92 -12.73
N TYR A 374 4.85 13.05 -12.52
CA TYR A 374 4.06 12.53 -13.63
C TYR A 374 3.29 13.62 -14.36
N PRO A 375 2.58 14.54 -13.70
CA PRO A 375 2.01 15.67 -14.44
C PRO A 375 3.05 16.51 -15.16
N LYS A 376 4.28 16.56 -14.64
CA LYS A 376 5.34 17.23 -15.38
C LYS A 376 5.74 16.44 -16.61
N ALA A 377 5.70 15.10 -16.54
CA ALA A 377 6.05 14.28 -17.68
C ALA A 377 5.08 14.49 -18.84
N VAL A 378 3.77 14.48 -18.54
CA VAL A 378 2.78 14.63 -19.59
C VAL A 378 2.78 16.02 -20.20
N THR A 379 3.39 17.00 -19.52
CA THR A 379 3.48 18.34 -20.10
C THR A 379 4.50 18.38 -21.24
N MET A 380 5.50 17.51 -21.21
CA MET A 380 6.55 17.47 -22.22
C MET A 380 6.29 16.39 -23.27
N MET A 381 5.04 16.15 -23.62
CA MET A 381 4.65 15.15 -24.59
C MET A 381 3.78 15.79 -25.64
N PRO A 382 3.74 15.23 -26.85
CA PRO A 382 2.79 15.74 -27.86
C PRO A 382 1.36 15.53 -27.41
N LEU A 383 0.54 16.56 -27.60
CA LEU A 383 -0.83 16.58 -27.09
C LEU A 383 -0.83 16.31 -25.59
N PRO A 384 -0.35 17.25 -24.77
CA PRO A 384 -0.27 16.98 -23.32
C PRO A 384 -1.60 16.68 -22.68
N THR A 385 -2.69 17.30 -23.15
CA THR A 385 -4.00 17.07 -22.54
C THR A 385 -4.43 15.62 -22.69
N PHE A 386 -4.14 15.02 -23.85
CA PHE A 386 -4.56 13.64 -24.09
C PHE A 386 -3.90 12.68 -23.11
N TRP A 387 -2.61 12.87 -22.85
CA TRP A 387 -1.89 11.94 -21.98
C TRP A 387 -2.29 12.14 -20.52
N SER A 388 -2.57 13.37 -20.12
CA SER A 388 -2.97 13.62 -18.74
C SER A 388 -4.28 12.92 -18.43
N ILE A 389 -5.22 12.93 -19.38
CA ILE A 389 -6.47 12.19 -19.19
C ILE A 389 -6.19 10.71 -19.07
N LEU A 390 -5.35 10.18 -19.96
CA LEU A 390 -5.06 8.75 -19.94
C LEU A 390 -4.33 8.35 -18.67
N PHE A 391 -3.33 9.12 -18.25
CA PHE A 391 -2.57 8.76 -17.06
C PHE A 391 -3.46 8.75 -15.82
N PHE A 392 -4.27 9.79 -15.66
CA PHE A 392 -5.12 9.87 -14.48
C PHE A 392 -6.33 8.96 -14.56
N ILE A 393 -6.72 8.53 -15.76
CA ILE A 393 -7.68 7.43 -15.85
C ILE A 393 -7.02 6.13 -15.44
N MET A 394 -5.78 5.89 -15.89
CA MET A 394 -5.02 4.74 -15.42
C MET A 394 -4.81 4.81 -13.91
N LEU A 395 -4.43 5.98 -13.41
CA LEU A 395 -4.23 6.15 -11.97
C LEU A 395 -5.54 5.93 -11.22
N LEU A 396 -6.65 6.36 -11.80
CA LEU A 396 -7.95 6.14 -11.16
C LEU A 396 -8.36 4.68 -11.25
N LEU A 397 -8.10 4.04 -12.39
CA LEU A 397 -8.45 2.63 -12.55
C LEU A 397 -7.65 1.76 -11.59
N LEU A 398 -6.35 2.04 -11.44
CA LEU A 398 -5.52 1.22 -10.57
C LEU A 398 -6.00 1.27 -9.13
N GLY A 399 -6.35 2.46 -8.65
CA GLY A 399 -6.84 2.59 -7.28
C GLY A 399 -8.19 1.93 -7.09
N LEU A 400 -9.09 2.06 -8.07
CA LEU A 400 -10.44 1.56 -7.91
C LEU A 400 -10.47 0.05 -7.77
N ASP A 401 -9.67 -0.66 -8.56
CA ASP A 401 -9.63 -2.11 -8.43
C ASP A 401 -9.08 -2.53 -7.08
N SER A 402 -8.08 -1.82 -6.58
CA SER A 402 -7.57 -2.10 -5.24
C SER A 402 -8.61 -1.78 -4.17
N GLN A 403 -9.29 -0.64 -4.31
CA GLN A 403 -10.27 -0.24 -3.31
C GLN A 403 -11.51 -1.13 -3.34
N PHE A 404 -11.90 -1.61 -4.52
CA PHE A 404 -13.04 -2.51 -4.60
C PHE A 404 -12.80 -3.78 -3.80
N VAL A 405 -11.59 -4.34 -3.90
CA VAL A 405 -11.28 -5.58 -3.19
C VAL A 405 -11.20 -5.34 -1.69
N GLU A 406 -10.51 -4.28 -1.28
CA GLU A 406 -10.27 -4.08 0.14
C GLU A 406 -11.54 -3.68 0.88
N VAL A 407 -12.33 -2.76 0.32
CA VAL A 407 -13.57 -2.37 0.98
C VAL A 407 -14.52 -3.54 1.05
N GLU A 408 -14.65 -4.30 -0.04
CA GLU A 408 -15.40 -5.55 0.03
C GLU A 408 -14.68 -6.58 0.88
N GLY A 409 -13.36 -6.49 1.02
CA GLY A 409 -12.64 -7.42 1.86
C GLY A 409 -13.03 -7.30 3.32
N GLN A 410 -13.09 -6.07 3.83
CA GLN A 410 -13.51 -5.89 5.22
C GLN A 410 -15.00 -6.08 5.38
N ILE A 411 -15.79 -5.66 4.38
CA ILE A 411 -17.23 -5.82 4.45
C ILE A 411 -17.61 -7.29 4.54
N THR A 412 -16.95 -8.13 3.73
CA THR A 412 -17.14 -9.57 3.86
C THR A 412 -16.67 -10.06 5.22
N SER A 413 -15.54 -9.54 5.70
CA SER A 413 -15.06 -9.91 7.03
C SER A 413 -15.99 -9.42 8.13
N LEU A 414 -16.48 -8.19 8.02
CA LEU A 414 -17.28 -7.61 9.09
C LEU A 414 -18.63 -8.32 9.23
N VAL A 415 -19.28 -8.64 8.11
CA VAL A 415 -20.58 -9.30 8.19
C VAL A 415 -20.43 -10.73 8.71
N ASP A 416 -19.39 -11.42 8.29
CA ASP A 416 -19.17 -12.79 8.76
C ASP A 416 -18.66 -12.81 10.19
N LEU A 417 -18.04 -11.72 10.66
CA LEU A 417 -17.59 -11.67 12.04
C LEU A 417 -18.77 -11.57 13.00
N TYR A 418 -19.82 -10.85 12.61
CA TYR A 418 -21.00 -10.64 13.44
C TYR A 418 -22.24 -11.05 12.64
N PRO A 419 -22.49 -12.35 12.52
CA PRO A 419 -23.70 -12.82 11.86
C PRO A 419 -24.91 -12.62 12.77
N SER A 420 -26.07 -13.08 12.29
CA SER A 420 -27.38 -12.97 12.94
C SER A 420 -27.86 -11.53 12.98
N PHE A 421 -27.06 -10.57 12.54
CA PHE A 421 -27.47 -9.18 12.40
C PHE A 421 -27.08 -8.57 11.08
N LEU A 422 -26.15 -9.17 10.33
CA LEU A 422 -25.69 -8.67 9.05
C LEU A 422 -26.07 -9.65 7.94
N ARG A 423 -27.30 -10.15 7.98
CA ARG A 423 -27.74 -11.16 7.03
C ARG A 423 -27.71 -10.61 5.61
N LYS A 424 -27.36 -11.48 4.66
CA LYS A 424 -27.27 -11.08 3.27
C LYS A 424 -28.62 -10.62 2.74
N GLY A 425 -28.74 -9.33 2.45
CA GLY A 425 -30.00 -8.77 2.00
C GLY A 425 -30.19 -7.35 2.48
N TYR A 426 -31.36 -7.05 3.04
CA TYR A 426 -31.64 -5.70 3.52
C TYR A 426 -30.66 -5.28 4.61
N ARG A 427 -30.12 -6.24 5.37
CA ARG A 427 -29.13 -5.92 6.39
C ARG A 427 -27.77 -5.61 5.78
N ARG A 428 -27.37 -6.34 4.74
CA ARG A 428 -26.08 -6.10 4.13
C ARG A 428 -26.09 -4.84 3.28
N GLU A 429 -27.19 -4.59 2.56
CA GLU A 429 -27.25 -3.42 1.68
C GLU A 429 -27.11 -2.13 2.45
N ILE A 430 -27.78 -2.03 3.61
CA ILE A 430 -27.63 -0.83 4.43
C ILE A 430 -26.25 -0.78 5.06
N PHE A 431 -25.65 -1.95 5.34
CA PHE A 431 -24.31 -1.97 5.93
C PHE A 431 -23.26 -1.44 4.98
N ILE A 432 -23.38 -1.77 3.69
CA ILE A 432 -22.41 -1.30 2.71
C ILE A 432 -22.39 0.22 2.67
N ALA A 433 -23.56 0.84 2.67
CA ALA A 433 -23.62 2.30 2.73
C ALA A 433 -23.11 2.82 4.07
N PHE A 434 -23.29 2.05 5.14
CA PHE A 434 -22.85 2.49 6.46
C PHE A 434 -21.34 2.58 6.52
N VAL A 435 -20.64 1.54 6.07
CA VAL A 435 -19.17 1.56 6.07
C VAL A 435 -18.67 2.68 5.17
N CYS A 436 -19.24 2.83 3.99
CA CYS A 436 -18.83 3.89 3.09
C CYS A 436 -19.13 5.26 3.69
N SER A 437 -20.28 5.41 4.34
CA SER A 437 -20.63 6.69 4.94
C SER A 437 -19.64 7.07 6.05
N ILE A 438 -19.29 6.12 6.91
CA ILE A 438 -18.36 6.41 7.99
C ILE A 438 -16.96 6.64 7.44
N SER A 439 -16.52 5.77 6.53
CA SER A 439 -15.20 5.93 5.94
C SER A 439 -15.09 7.23 5.15
N TYR A 440 -16.21 7.70 4.59
CA TYR A 440 -16.20 9.00 3.93
C TYR A 440 -16.09 10.13 4.94
N LEU A 441 -16.71 9.98 6.10
CA LEU A 441 -16.66 11.04 7.11
C LEU A 441 -15.27 11.16 7.71
N LEU A 442 -14.65 10.04 8.08
CA LEU A 442 -13.27 10.08 8.54
C LEU A 442 -12.33 10.51 7.43
N GLY A 443 -12.67 10.22 6.18
CA GLY A 443 -11.87 10.70 5.07
C GLY A 443 -12.04 12.17 4.77
N LEU A 444 -13.02 12.83 5.40
CA LEU A 444 -13.22 14.25 5.19
C LEU A 444 -12.20 15.11 5.92
N THR A 445 -11.53 14.56 6.93
CA THR A 445 -10.49 15.33 7.61
C THR A 445 -9.27 15.54 6.73
N MET A 446 -9.06 14.65 5.77
CA MET A 446 -7.94 14.76 4.83
C MET A 446 -8.29 15.63 3.62
N VAL A 447 -9.52 16.12 3.54
CA VAL A 447 -9.92 17.01 2.47
C VAL A 447 -9.71 18.48 2.83
N THR A 448 -9.67 18.81 4.12
CA THR A 448 -9.47 20.17 4.56
C THR A 448 -8.10 20.69 4.10
N GLU A 449 -7.88 21.99 4.33
CA GLU A 449 -6.63 22.60 3.94
C GLU A 449 -5.44 21.94 4.65
N GLY A 450 -5.60 21.62 5.92
CA GLY A 450 -4.57 20.93 6.66
C GLY A 450 -4.73 19.44 6.60
N GLY A 451 -5.49 18.96 5.61
CA GLY A 451 -5.71 17.54 5.46
C GLY A 451 -4.52 16.77 4.93
N MET A 452 -3.58 17.46 4.28
CA MET A 452 -2.39 16.79 3.78
C MET A 452 -1.57 16.21 4.92
N TYR A 453 -1.44 16.95 6.02
CA TYR A 453 -0.70 16.46 7.17
C TYR A 453 -1.37 15.25 7.80
N VAL A 454 -2.71 15.25 7.84
CA VAL A 454 -3.41 14.09 8.37
C VAL A 454 -3.22 12.89 7.47
N PHE A 455 -3.17 13.12 6.16
CA PHE A 455 -2.92 12.01 5.23
C PHE A 455 -1.54 11.41 5.45
N GLN A 456 -0.54 12.26 5.69
CA GLN A 456 0.81 11.76 5.95
C GLN A 456 0.85 10.96 7.25
N LEU A 457 0.10 11.39 8.27
CA LEU A 457 0.02 10.61 9.50
C LEU A 457 -0.55 9.23 9.24
N PHE A 458 -1.63 9.15 8.46
CA PHE A 458 -2.23 7.87 8.15
C PHE A 458 -1.29 7.01 7.30
N ASP A 459 -0.63 7.63 6.33
CA ASP A 459 0.29 6.88 5.47
C ASP A 459 1.45 6.31 6.29
N TYR A 460 2.00 7.10 7.19
CA TYR A 460 3.15 6.68 7.97
C TYR A 460 2.79 5.69 9.08
N TYR A 461 1.59 5.82 9.65
CA TYR A 461 1.25 5.07 10.85
C TYR A 461 0.12 4.07 10.67
N ALA A 462 -0.93 4.43 9.93
CA ALA A 462 -2.15 3.61 9.94
C ALA A 462 -1.92 2.24 9.32
N ALA A 463 -1.33 2.20 8.13
CA ALA A 463 -1.11 0.94 7.42
C ALA A 463 0.32 0.87 6.89
N SER A 464 1.28 1.21 7.75
CA SER A 464 2.70 1.11 7.43
C SER A 464 3.46 1.24 8.74
N GLY A 465 4.78 1.23 8.65
CA GLY A 465 5.58 1.38 9.84
C GLY A 465 5.48 0.17 10.74
N VAL A 466 5.44 0.41 12.04
CA VAL A 466 5.52 -0.68 13.01
C VAL A 466 4.27 -1.54 12.98
N CYS A 467 3.11 -0.97 12.65
CA CYS A 467 1.87 -1.74 12.67
C CYS A 467 1.92 -2.89 11.66
N LEU A 468 2.45 -2.64 10.47
CA LEU A 468 2.57 -3.71 9.48
C LEU A 468 3.61 -4.74 9.90
N LEU A 469 4.74 -4.29 10.44
CA LEU A 469 5.75 -5.23 10.93
C LEU A 469 5.24 -6.01 12.12
N TRP A 470 4.34 -5.43 12.92
CA TRP A 470 3.78 -6.13 14.06
C TRP A 470 2.99 -7.36 13.62
N VAL A 471 2.18 -7.21 12.57
CA VAL A 471 1.41 -8.35 12.06
C VAL A 471 2.33 -9.35 11.39
N ALA A 472 3.26 -8.87 10.56
CA ALA A 472 4.13 -9.76 9.80
C ALA A 472 5.01 -10.59 10.74
N PHE A 473 5.51 -9.96 11.81
CA PHE A 473 6.31 -10.71 12.77
C PHE A 473 5.48 -11.80 13.43
N PHE A 474 4.24 -11.50 13.78
CA PHE A 474 3.42 -12.46 14.50
C PHE A 474 2.88 -13.57 13.60
N GLU A 475 2.69 -13.28 12.31
CA GLU A 475 2.32 -14.34 11.37
C GLU A 475 3.45 -15.35 11.25
N CYS A 476 4.69 -14.87 11.13
CA CYS A 476 5.82 -15.77 10.97
C CYS A 476 6.19 -16.43 12.28
N PHE A 477 5.98 -15.75 13.41
CA PHE A 477 6.26 -16.37 14.70
C PHE A 477 5.32 -17.53 14.98
N VAL A 478 4.03 -17.38 14.66
CA VAL A 478 3.07 -18.43 14.94
C VAL A 478 3.29 -19.62 14.02
N ILE A 479 3.46 -19.37 12.72
CA ILE A 479 3.56 -20.46 11.76
C ILE A 479 4.88 -21.20 11.90
N ALA A 480 5.99 -20.46 11.92
CA ALA A 480 7.29 -21.11 11.89
C ALA A 480 7.64 -21.73 13.23
N TRP A 481 7.27 -21.08 14.33
CA TRP A 481 7.71 -21.51 15.66
C TRP A 481 6.64 -22.26 16.45
N ILE A 482 5.39 -21.81 16.42
CA ILE A 482 4.34 -22.52 17.12
C ILE A 482 3.80 -23.66 16.26
N TYR A 483 3.25 -23.33 15.09
CA TYR A 483 2.76 -24.37 14.18
C TYR A 483 3.91 -25.22 13.66
N GLY A 484 5.02 -24.60 13.29
CA GLY A 484 6.16 -25.31 12.78
C GLY A 484 6.32 -25.18 11.28
N GLY A 485 7.46 -24.67 10.83
CA GLY A 485 7.69 -24.54 9.39
C GLY A 485 7.73 -25.87 8.69
N ASP A 486 8.26 -26.90 9.35
CA ASP A 486 8.26 -28.23 8.78
C ASP A 486 6.84 -28.78 8.63
N ASN A 487 5.97 -28.49 9.61
CA ASN A 487 4.60 -28.95 9.52
C ASN A 487 3.86 -28.31 8.37
N LEU A 488 4.22 -27.07 8.00
CA LEU A 488 3.58 -26.43 6.87
C LEU A 488 4.05 -27.02 5.55
N TYR A 489 5.31 -27.43 5.45
CA TYR A 489 5.79 -28.07 4.22
C TYR A 489 5.08 -29.39 3.97
N ASP A 490 4.83 -30.17 5.02
CA ASP A 490 4.12 -31.43 4.85
C ASP A 490 2.78 -31.21 4.16
N GLY A 491 2.11 -30.11 4.47
CA GLY A 491 0.93 -29.73 3.70
C GLY A 491 1.27 -29.28 2.29
N ILE A 492 2.33 -28.48 2.15
CA ILE A 492 2.64 -27.89 0.84
C ILE A 492 3.00 -28.97 -0.17
N GLU A 493 3.86 -29.92 0.21
CA GLU A 493 4.24 -30.97 -0.73
C GLU A 493 3.05 -31.81 -1.14
N ASP A 494 2.07 -31.96 -0.24
CA ASP A 494 0.80 -32.56 -0.62
C ASP A 494 0.03 -31.64 -1.56
N MET A 495 0.14 -30.33 -1.36
CA MET A 495 -0.73 -29.37 -2.01
C MET A 495 -0.22 -28.98 -3.41
N ILE A 496 0.99 -28.43 -3.49
CA ILE A 496 1.53 -28.03 -4.78
C ILE A 496 2.25 -29.15 -5.51
N GLY A 497 2.43 -30.31 -4.88
CA GLY A 497 2.98 -31.48 -5.50
C GLY A 497 4.43 -31.76 -5.19
N TYR A 498 5.20 -30.74 -4.83
CA TYR A 498 6.61 -30.92 -4.51
C TYR A 498 6.99 -30.05 -3.33
N ARG A 499 7.77 -30.61 -2.42
CA ARG A 499 8.23 -29.85 -1.26
C ARG A 499 9.23 -28.80 -1.71
N PRO A 500 9.04 -27.54 -1.33
CA PRO A 500 9.98 -26.50 -1.77
C PRO A 500 11.33 -26.59 -1.07
N GLY A 501 12.25 -25.69 -1.43
CA GLY A 501 13.54 -25.67 -0.81
C GLY A 501 13.50 -25.08 0.58
N PRO A 502 14.66 -25.00 1.21
CA PRO A 502 14.75 -24.43 2.55
C PRO A 502 14.70 -22.91 2.61
N TRP A 503 14.38 -22.23 1.51
CA TRP A 503 14.30 -20.78 1.55
C TRP A 503 13.15 -20.30 2.41
N MET A 504 11.95 -20.84 2.18
CA MET A 504 10.77 -20.33 2.88
C MET A 504 10.87 -20.61 4.37
N LYS A 505 11.29 -21.82 4.75
CA LYS A 505 11.37 -22.19 6.17
C LYS A 505 12.36 -21.31 6.90
N TYR A 506 13.53 -21.06 6.31
CA TYR A 506 14.55 -20.22 6.94
C TYR A 506 14.27 -18.75 6.76
N SER A 507 13.15 -18.38 6.15
CA SER A 507 12.72 -17.00 6.07
C SER A 507 11.65 -16.65 7.10
N TRP A 508 10.73 -17.56 7.36
CA TRP A 508 9.77 -17.36 8.43
C TRP A 508 10.38 -17.60 9.81
N ALA A 509 11.30 -18.55 9.91
CA ALA A 509 11.81 -18.94 11.23
C ALA A 509 12.76 -17.89 11.78
N VAL A 510 13.65 -17.33 10.94
CA VAL A 510 14.74 -16.49 11.39
C VAL A 510 14.71 -15.12 10.72
N ILE A 511 14.72 -15.09 9.40
CA ILE A 511 14.98 -13.84 8.68
C ILE A 511 13.91 -12.80 8.98
N THR A 512 12.63 -13.19 8.83
CA THR A 512 11.56 -12.23 9.07
C THR A 512 11.47 -11.78 10.53
N PRO A 513 11.48 -12.67 11.52
CA PRO A 513 11.48 -12.18 12.91
C PRO A 513 12.66 -11.30 13.26
N VAL A 514 13.85 -11.59 12.72
CA VAL A 514 15.00 -10.73 12.98
C VAL A 514 14.83 -9.39 12.29
N LEU A 515 14.36 -9.39 11.04
CA LEU A 515 14.16 -8.14 10.33
C LEU A 515 13.08 -7.30 10.98
N CYS A 516 11.97 -7.92 11.38
CA CYS A 516 10.89 -7.16 11.99
C CYS A 516 11.26 -6.66 13.38
N VAL A 517 11.84 -7.52 14.20
CA VAL A 517 12.26 -7.12 15.54
C VAL A 517 13.39 -6.10 15.46
N GLY A 518 14.38 -6.36 14.61
CA GLY A 518 15.52 -5.47 14.52
C GLY A 518 15.15 -4.06 14.10
N CYS A 519 14.23 -3.95 13.13
CA CYS A 519 13.76 -2.63 12.72
C CYS A 519 13.00 -1.94 13.85
N PHE A 520 12.20 -2.69 14.60
CA PHE A 520 11.40 -2.10 15.66
C PHE A 520 12.29 -1.59 16.79
N ILE A 521 13.33 -2.33 17.16
CA ILE A 521 14.19 -1.92 18.26
C ILE A 521 14.97 -0.66 17.89
N PHE A 522 15.58 -0.67 16.70
CA PHE A 522 16.44 0.45 16.33
C PHE A 522 15.63 1.71 16.00
N SER A 523 14.39 1.53 15.55
CA SER A 523 13.53 2.71 15.33
C SER A 523 13.19 3.37 16.65
N LEU A 524 13.02 2.59 17.72
CA LEU A 524 12.75 3.17 19.03
C LEU A 524 14.00 3.79 19.63
N VAL A 525 15.14 3.13 19.47
CA VAL A 525 16.39 3.66 20.03
C VAL A 525 16.77 4.96 19.34
N LYS A 526 16.81 4.95 18.01
CA LYS A 526 17.09 6.16 17.23
C LYS A 526 15.78 6.78 16.73
N TYR A 527 14.96 7.21 17.67
CA TYR A 527 13.62 7.70 17.35
C TYR A 527 13.73 9.08 16.74
N VAL A 528 13.35 9.21 15.48
CA VAL A 528 13.20 10.49 14.80
C VAL A 528 11.72 10.69 14.50
N PRO A 529 11.09 11.74 15.01
CA PRO A 529 9.65 11.92 14.77
C PRO A 529 9.35 12.18 13.31
N LEU A 530 8.13 11.81 12.92
CA LEU A 530 7.69 11.99 11.55
C LEU A 530 7.67 13.47 11.17
N THR A 531 8.11 13.77 9.95
CA THR A 531 8.05 15.10 9.39
C THR A 531 7.45 15.03 8.00
N TYR A 532 6.78 16.10 7.59
CA TYR A 532 6.20 16.20 6.26
C TYR A 532 7.05 17.13 5.41
N ASN A 533 7.48 16.64 4.25
CA ASN A 533 8.33 17.39 3.33
C ASN A 533 9.61 17.89 4.02
N LYS A 534 10.11 17.10 4.96
CA LYS A 534 11.41 17.27 5.61
C LYS A 534 11.61 18.67 6.22
N THR A 535 10.53 19.44 6.36
CA THR A 535 10.63 20.76 6.95
C THR A 535 9.56 21.07 7.99
N TYR A 536 8.52 20.26 8.11
CA TYR A 536 7.43 20.50 9.06
C TYR A 536 7.54 19.49 10.18
N VAL A 537 7.66 19.99 11.41
CA VAL A 537 7.74 19.14 12.60
C VAL A 537 6.35 18.99 13.19
N TYR A 538 5.91 17.76 13.38
CA TYR A 538 4.57 17.52 13.86
C TYR A 538 4.47 17.85 15.35
N PRO A 539 3.35 18.38 15.80
CA PRO A 539 3.16 18.60 17.23
C PRO A 539 3.09 17.27 17.97
N ASN A 540 3.44 17.33 19.26
CA ASN A 540 3.56 16.10 20.05
C ASN A 540 2.24 15.33 20.08
N TRP A 541 1.11 16.04 20.16
CA TRP A 541 -0.17 15.35 20.18
C TRP A 541 -0.46 14.66 18.85
N ALA A 542 -0.03 15.25 17.73
CA ALA A 542 -0.26 14.62 16.44
C ALA A 542 0.46 13.29 16.33
N ILE A 543 1.70 13.22 16.80
CA ILE A 543 2.41 11.95 16.84
C ILE A 543 1.69 10.99 17.77
N GLY A 544 1.16 11.49 18.88
CA GLY A 544 0.34 10.66 19.75
C GLY A 544 -0.92 10.17 19.05
N LEU A 545 -1.57 11.06 18.30
CA LEU A 545 -2.71 10.63 17.49
C LEU A 545 -2.28 9.63 16.43
N GLY A 546 -1.15 9.89 15.78
CA GLY A 546 -0.65 8.94 14.79
C GLY A 546 -0.30 7.60 15.40
N TRP A 547 0.32 7.61 16.59
CA TRP A 547 0.65 6.37 17.26
C TRP A 547 -0.61 5.61 17.69
N SER A 548 -1.71 6.33 17.93
CA SER A 548 -2.96 5.65 18.26
C SER A 548 -3.46 4.80 17.11
N LEU A 549 -3.33 5.30 15.88
CA LEU A 549 -3.69 4.51 14.71
C LEU A 549 -2.84 3.26 14.61
N ALA A 550 -1.53 3.40 14.82
CA ALA A 550 -0.65 2.23 14.84
C ALA A 550 -0.97 1.32 16.02
N LEU A 551 -1.22 1.91 17.19
CA LEU A 551 -1.46 1.10 18.39
C LEU A 551 -2.81 0.41 18.34
N SER A 552 -3.80 1.01 17.68
CA SER A 552 -5.12 0.40 17.64
C SER A 552 -5.09 -0.95 16.96
N SER A 553 -4.35 -1.06 15.86
CA SER A 553 -4.21 -2.35 15.20
C SER A 553 -3.26 -3.27 15.95
N MET A 554 -2.15 -2.76 16.47
CA MET A 554 -1.20 -3.61 17.16
C MET A 554 -1.80 -4.17 18.45
N LEU A 555 -2.58 -3.36 19.18
CA LEU A 555 -3.16 -3.82 20.43
C LEU A 555 -4.18 -4.93 20.25
N CYS A 556 -4.61 -5.21 19.02
CA CYS A 556 -5.54 -6.31 18.79
C CYS A 556 -4.91 -7.65 19.16
N VAL A 557 -3.63 -7.83 18.84
CA VAL A 557 -2.97 -9.10 19.13
C VAL A 557 -2.90 -9.40 20.63
N PRO A 558 -2.44 -8.51 21.50
CA PRO A 558 -2.43 -8.85 22.92
C PRO A 558 -3.82 -8.86 23.54
N LEU A 559 -4.72 -8.01 23.08
CA LEU A 559 -6.05 -7.95 23.69
C LEU A 559 -6.83 -9.24 23.46
N VAL A 560 -6.77 -9.77 22.24
CA VAL A 560 -7.49 -11.03 21.97
C VAL A 560 -6.83 -12.18 22.71
N ILE A 561 -5.51 -12.11 22.93
CA ILE A 561 -4.84 -13.13 23.75
C ILE A 561 -5.43 -13.12 25.16
N VAL A 562 -5.60 -11.93 25.74
CA VAL A 562 -6.20 -11.83 27.06
C VAL A 562 -7.64 -12.32 27.03
N ILE A 563 -8.39 -11.94 25.99
CA ILE A 563 -9.79 -12.32 25.89
C ILE A 563 -9.94 -13.83 25.84
N ARG A 564 -9.11 -14.49 25.02
CA ARG A 564 -9.25 -15.93 24.82
C ARG A 564 -8.96 -16.70 26.11
N LEU A 565 -7.90 -16.33 26.83
CA LEU A 565 -7.56 -17.06 28.05
C LEU A 565 -8.62 -16.89 29.12
N CYS A 566 -9.16 -15.68 29.28
CA CYS A 566 -10.22 -15.47 30.25
C CYS A 566 -11.48 -16.25 29.89
N GLN A 567 -11.80 -16.30 28.60
CA GLN A 567 -12.99 -17.05 28.17
C GLN A 567 -12.86 -18.53 28.48
N THR A 568 -11.68 -19.10 28.24
CA THR A 568 -11.48 -20.53 28.45
C THR A 568 -11.29 -20.84 29.92
N GLU A 569 -11.76 -22.01 30.33
CA GLU A 569 -11.73 -22.45 31.72
C GLU A 569 -10.77 -23.61 31.89
N GLY A 570 -10.08 -23.63 33.04
CA GLY A 570 -9.12 -24.67 33.34
C GLY A 570 -7.81 -24.10 33.83
N PRO A 571 -6.82 -24.97 34.02
CA PRO A 571 -5.49 -24.48 34.42
C PRO A 571 -4.89 -23.60 33.33
N PHE A 572 -4.13 -22.59 33.76
CA PHE A 572 -3.58 -21.63 32.83
C PHE A 572 -2.66 -22.29 31.82
N LEU A 573 -1.80 -23.20 32.28
CA LEU A 573 -0.92 -23.92 31.36
C LEU A 573 -1.73 -24.77 30.38
N VAL A 574 -2.78 -25.42 30.89
CA VAL A 574 -3.69 -26.15 30.01
C VAL A 574 -4.48 -25.18 29.14
N ARG A 575 -4.86 -24.02 29.71
CA ARG A 575 -5.60 -23.03 28.94
C ARG A 575 -4.80 -22.54 27.73
N VAL A 576 -3.55 -22.13 27.96
CA VAL A 576 -2.74 -21.64 26.84
C VAL A 576 -2.41 -22.78 25.89
N LYS A 577 -2.22 -24.00 26.41
CA LYS A 577 -1.95 -25.14 25.54
C LYS A 577 -3.16 -25.44 24.65
N TYR A 578 -4.37 -25.36 25.21
CA TYR A 578 -5.57 -25.63 24.43
C TYR A 578 -5.73 -24.63 23.29
N LEU A 579 -5.48 -23.35 23.56
CA LEU A 579 -5.62 -22.32 22.55
C LEU A 579 -4.51 -22.34 21.51
N LEU A 580 -3.48 -23.16 21.71
CA LEU A 580 -2.41 -23.32 20.73
C LEU A 580 -2.58 -24.54 19.84
N THR A 581 -3.68 -25.27 19.98
CA THR A 581 -3.88 -26.50 19.22
C THR A 581 -4.69 -26.20 17.96
N PRO A 582 -4.13 -26.45 16.75
CA PRO A 582 -4.83 -26.14 15.49
C PRO A 582 -6.09 -26.99 15.35
N ARG A 583 -7.22 -26.35 15.04
CA ARG A 583 -8.50 -27.09 14.92
C ARG A 583 -8.59 -27.72 13.52
N GLU A 584 -7.88 -28.83 13.31
CA GLU A 584 -7.90 -29.54 12.01
C GLU A 584 -7.75 -28.53 10.86
N PRO A 585 -6.57 -27.91 10.68
CA PRO A 585 -6.41 -26.86 9.66
C PRO A 585 -7.04 -27.25 8.31
N ASN A 586 -6.60 -28.37 7.72
CA ASN A 586 -7.23 -28.85 6.45
C ASN A 586 -8.19 -29.99 6.80
N ARG A 587 -9.43 -29.65 7.16
CA ARG A 587 -10.43 -30.69 7.53
C ARG A 587 -11.20 -31.09 6.26
N TRP A 588 -10.93 -30.43 5.14
CA TRP A 588 -11.63 -30.74 3.87
C TRP A 588 -11.31 -32.17 3.43
N ALA A 589 -12.36 -32.93 3.09
CA ALA A 589 -12.16 -34.32 2.59
C ALA A 589 -12.67 -34.39 1.15
N VAL A 590 -13.23 -33.29 0.65
CA VAL A 590 -13.76 -33.25 -0.75
C VAL A 590 -12.62 -33.55 -1.72
N GLU A 591 -11.42 -33.00 -1.45
CA GLU A 591 -10.24 -33.24 -2.33
C GLU A 591 -9.35 -34.29 -1.68
N ARG A 592 -8.51 -34.96 -2.46
CA ARG A 592 -7.56 -35.97 -1.92
C ARG A 592 -6.63 -35.27 -0.93
N GLU A 593 -7.11 -35.01 0.29
CA GLU A 593 -6.30 -34.27 1.25
C GLU A 593 -5.92 -35.18 2.41
N GLY A 594 -4.63 -35.22 2.73
CA GLY A 594 -4.18 -35.97 3.87
C GLY A 594 -4.42 -35.24 5.18
N ALA A 595 -4.40 -36.02 6.26
CA ALA A 595 -4.55 -35.42 7.58
C ALA A 595 -3.29 -34.67 7.99
N THR A 596 -3.47 -33.73 8.91
CA THR A 596 -2.33 -32.95 9.39
C THR A 596 -1.22 -33.78 10.01
N PRO A 597 -1.49 -34.80 10.85
CA PRO A 597 -0.32 -35.53 11.38
C PRO A 597 0.31 -36.45 10.33
C1 D12 B . -12.86 -10.87 20.64
C2 D12 B . -12.57 -9.82 19.58
C3 D12 B . -11.99 -8.53 20.15
C4 D12 B . -11.41 -7.62 19.09
C5 D12 B . -11.10 -6.21 19.59
C6 D12 B . -10.71 -5.24 18.48
C7 D12 B . -10.32 -3.86 18.99
C8 D12 B . -10.33 -2.81 17.89
C9 D12 B . -10.31 -1.38 18.43
C10 D12 B . -9.02 -1.03 19.16
C11 D12 B . -9.20 0.03 20.23
C12 D12 B . -9.89 1.29 19.72
C1 LNK C . -17.00 0.88 10.45
C2 LNK C . -15.52 1.24 10.33
C3 LNK C . -15.30 2.57 9.62
C4 LNK C . -13.84 3.01 9.56
C5 LNK C . -13.25 3.30 10.92
C1 OCT D . -9.93 2.94 15.02
C2 OCT D . -10.74 1.68 15.21
C3 OCT D . -11.38 1.17 13.92
C4 OCT D . -12.13 -0.14 14.11
C5 OCT D . -12.73 -0.71 12.83
C6 OCT D . -13.40 -2.07 13.04
C7 OCT D . -12.46 -3.09 13.69
C8 OCT D . -13.15 -4.43 13.93
C1 OCT E . 4.16 11.68 21.20
C2 OCT E . 4.75 10.53 22.01
C3 OCT E . 5.34 9.43 21.12
C4 OCT E . 5.92 8.28 21.93
C5 OCT E . 6.23 7.04 21.09
C6 OCT E . 6.42 5.79 21.94
C7 OCT E . 6.34 4.51 21.12
C8 OCT E . 5.44 3.46 21.76
C1 OCT F . 7.54 12.92 22.19
C2 OCT F . 8.83 12.58 22.93
C3 OCT F . 9.57 11.40 22.31
C4 OCT F . 10.96 11.18 22.87
C5 OCT F . 11.64 9.93 22.33
C6 OCT F . 13.05 9.73 22.86
C7 OCT F . 13.67 8.41 22.41
C8 OCT F . 15.09 8.22 22.91
C1 D10 G . 18.57 -13.31 -4.42
C2 D10 G . 17.62 -14.44 -4.78
C3 D10 G . 17.33 -15.37 -3.59
C4 D10 G . 16.81 -16.74 -4.03
C5 D10 G . 17.07 -17.81 -2.99
C6 D10 G . 16.97 -19.22 -3.56
C7 D10 G . 15.73 -19.45 -4.42
C8 D10 G . 15.37 -20.93 -4.58
C9 D10 G . 14.33 -21.19 -5.66
C10 D10 G . 13.12 -20.27 -5.54
C1 HEX H . 18.19 -12.12 2.10
C2 HEX H . 17.51 -13.21 1.28
C3 HEX H . 17.94 -14.62 1.69
C4 HEX H . 17.34 -15.71 0.82
C5 HEX H . 18.11 -17.01 0.83
C6 HEX H . 18.18 -17.64 2.22
C1 HEX I . 18.93 -10.12 -2.59
C2 HEX I . 19.76 -9.84 -1.35
C3 HEX I . 19.92 -8.35 -1.07
C4 HEX I . 20.34 -7.55 -2.30
C5 HEX I . 20.68 -6.10 -1.98
C6 HEX I . 21.16 -5.33 -3.21
C1 HEX J . 20.93 -2.21 -5.19
C2 HEX J . 21.18 -1.46 -6.49
C3 HEX J . 22.61 -1.59 -6.97
C4 HEX J . 22.89 -0.85 -8.27
C5 HEX J . 24.37 -0.85 -8.67
C6 HEX J . 25.28 -0.35 -7.56
C1 HEX K . 7.62 9.57 -26.33
C2 HEX K . 7.59 11.10 -26.38
C3 HEX K . 8.91 11.69 -26.84
C4 HEX K . 9.18 11.49 -28.32
C5 HEX K . 10.64 11.67 -28.70
C6 HEX K . 11.51 10.51 -28.23
C1 OCT L . -12.41 25.59 -17.29
C2 OCT L . -12.12 24.67 -16.12
C3 OCT L . -12.82 23.32 -16.24
C4 OCT L . -12.66 22.44 -15.01
C5 OCT L . -13.70 21.34 -14.91
C6 OCT L . -13.53 20.45 -13.69
C7 OCT L . -13.42 21.22 -12.38
C8 OCT L . -13.11 20.33 -11.19
C1 D12 M . 0.52 -28.54 20.64
C2 D12 M . 1.83 -28.10 21.25
C3 D12 M . 2.41 -26.86 20.57
C4 D12 M . 3.80 -26.49 21.08
C5 D12 M . 4.27 -25.13 20.57
C6 D12 M . 5.57 -24.66 21.22
C7 D12 M . 5.77 -23.15 21.18
C8 D12 M . 7.13 -22.72 21.68
C9 D12 M . 7.51 -21.30 21.27
C10 D12 M . 9.01 -21.12 21.07
C11 D12 M . 9.38 -19.78 20.45
C12 D12 M . 10.87 -19.66 20.18
C1 D10 N . -6.27 9.59 20.76
C2 D10 N . -5.24 10.67 20.50
C3 D10 N . -4.45 11.06 21.75
C4 D10 N . -3.68 9.89 22.35
C5 D10 N . -2.56 10.33 23.28
C6 D10 N . -1.96 9.19 24.10
C7 D10 N . -1.29 8.12 23.25
C8 D10 N . 0.20 8.34 23.04
C9 D10 N . 0.88 7.21 22.28
C10 D10 N . 2.39 7.35 22.26
C1 D12 O . -5.59 -18.04 37.23
C2 D12 O . -4.22 -18.15 36.59
C3 D12 O . -3.22 -18.87 37.49
C4 D12 O . -1.87 -19.11 36.81
C5 D12 O . -1.11 -17.83 36.52
C6 D12 O . 0.01 -18.01 35.49
C7 D12 O . 1.05 -19.05 35.89
C8 D12 O . 2.16 -19.21 34.86
C9 D12 O . 3.27 -20.15 35.31
C10 D12 O . 4.31 -20.40 34.21
C11 D12 O . 5.39 -21.40 34.63
C12 D12 O . 6.24 -21.86 33.45
C1 HEX P . 18.04 11.21 -26.61
C2 HEX P . 18.16 9.69 -26.62
C3 HEX P . 18.65 9.15 -25.28
C4 HEX P . 18.41 7.66 -25.12
C5 HEX P . 18.64 7.16 -23.69
C6 HEX P . 18.23 5.70 -23.50
C1 HEX Q . 14.76 -0.17 -17.86
C2 HEX Q . 16.22 0.06 -17.50
C3 HEX Q . 16.79 1.31 -18.16
C4 HEX Q . 18.22 1.62 -17.72
C5 HEX Q . 18.73 2.95 -18.26
C6 HEX Q . 20.14 3.28 -17.76
C1 HEX R . 6.49 -0.66 -16.85
C2 HEX R . 6.95 -2.06 -17.25
C3 HEX R . 6.54 -3.12 -16.24
C4 HEX R . 7.26 -4.45 -16.43
C5 HEX R . 6.96 -5.46 -15.33
C6 HEX R . 7.75 -6.75 -15.49
C1 CLR S . -7.01 20.04 17.50
C2 CLR S . -7.67 20.03 16.14
C3 CLR S . -8.66 21.16 16.02
C4 CLR S . -7.97 22.50 16.29
C5 CLR S . -7.23 22.50 17.59
C6 CLR S . -7.25 23.56 18.39
C7 CLR S . -6.41 23.74 19.61
C8 CLR S . -5.28 22.72 19.72
C9 CLR S . -5.78 21.34 19.29
C10 CLR S . -6.26 21.34 17.81
C11 CLR S . -4.75 20.25 19.58
C12 CLR S . -4.21 20.28 21.02
C13 CLR S . -3.62 21.66 21.39
C14 CLR S . -4.76 22.66 21.14
C15 CLR S . -4.26 23.96 21.76
C16 CLR S . -3.51 23.48 23.02
C17 CLR S . -3.37 21.93 22.91
C18 CLR S . -2.41 21.98 20.52
C19 CLR S . -5.10 21.52 16.85
C20 CLR S . -2.14 21.45 23.72
C21 CLR S . -0.95 22.40 23.66
C22 CLR S . -1.71 20.01 23.38
C23 CLR S . -0.24 19.70 23.58
C24 CLR S . 0.05 18.20 23.50
C25 CLR S . -0.42 17.38 24.70
C26 CLR S . 0.18 17.94 25.98
C27 CLR S . -0.07 15.90 24.56
O1 CLR S . -9.22 21.12 14.72
CL CL T . 6.14 -2.38 -4.13
C1 NAG U . 16.18 28.53 -1.46
C2 NAG U . 16.49 29.18 -0.11
C3 NAG U . 17.48 28.32 0.68
C4 NAG U . 17.04 26.86 0.73
C5 NAG U . 16.75 26.39 -0.69
C6 NAG U . 16.32 24.94 -0.72
C7 NAG U . 16.30 31.62 -0.28
C8 NAG U . 17.00 32.90 -0.64
N2 NAG U . 17.05 30.52 -0.29
O3 NAG U . 17.62 28.87 2.00
O4 NAG U . 18.09 26.00 1.18
O5 NAG U . 15.73 27.21 -1.27
O6 NAG U . 15.07 24.84 -0.05
O7 NAG U . 15.11 31.61 -0.01
#